data_5WGB
#
_entry.id   5WGB
#
_cell.length_a   140.841
_cell.length_b   140.841
_cell.length_c   203.301
_cell.angle_alpha   90.00
_cell.angle_beta   90.00
_cell.angle_gamma   120.00
#
_symmetry.space_group_name_H-M   'H 3 2'
#
loop_
_entity.id
_entity.type
_entity.pdbx_description
1 polymer 'Cysteine desulfurase, mitochondrial'
2 polymer 'LYR motif-containing protein 4'
3 polymer 'Acyl carrier protein'
4 non-polymer "PYRIDOXAL-5'-PHOSPHATE"
5 non-polymer 'S-[2-({N-[(2R)-2-hydroxy-3,3-dimethyl-4-(phosphonooxy)butanoyl]-beta-alanyl}amino)ethyl] dodecanethioate'
#
loop_
_entity_poly.entity_id
_entity_poly.type
_entity_poly.pdbx_seq_one_letter_code
_entity_poly.pdbx_strand_id
1 'polypeptide(L)'
;MGSSHHHHHHSSGLVPRGSHMLEMLRPLYMDVQATTPLDPRVLDAMLPYLINYYGNPHSRTHAYGWESEAAMERARQQVA
SLIGADPREIIFTSGATESNNIAIKGVARFYRSRKKHLITTQTEHKCVLDSCRSLEAEGFQVTYLPVQKSGIIDLKELEA
AIQPDTSLVSVMTVNNEIGVKQPIAEIGRICSSRKVYFHTDAAQAVGKIPLDVNDMKIDLMSISGHKIYGPKGVGAIYIR
RRPRVRVEALQSGGGQERGMRSGTVPTPLVVGLGAACEVAQQEMEYDHKRISKLSERLIQNIMKSLPDVVMNGDPKHHYP
GCINLSFAYVEGESLLMALKDVALSSGSACTSASLEPSYVLRAIGTDEDLAHSSIRFGIGRFTTEEEVDYTVEKCIQHVK
RLREMSPLWEMVQDGIDLKSIKWTQH
;
A
2 'polypeptide(L)'
;MAASSRAQVLALYRAMLRESKRFSAYNYRTYAVRRIRDAFRENKNVKDPVEIQTLVNKAKRDLGVIRRQVHIGQLYSTDK
LIIENRDMPRT
;
B
3 'polypeptide(L)' STIEERVKKIIGEQLGVKQEEVTNNASFVEDLGADSLDTVELVMALEEEFDTEIPDEEAEKITTVQAAIDYINGHQA C
#
loop_
_chem_comp.id
_chem_comp.type
_chem_comp.name
_chem_comp.formula
8Q1 non-polymer 'S-[2-({N-[(2R)-2-hydroxy-3,3-dimethyl-4-(phosphonooxy)butanoyl]-beta-alanyl}amino)ethyl] dodecanethioate' 'C23 H45 N2 O8 P S'
PLP non-polymer PYRIDOXAL-5'-PHOSPHATE 'C8 H10 N O6 P'
#
# COMPACT_ATOMS: atom_id res chain seq x y z
N ALA A 34 8.60 11.97 -2.48
CA ALA A 34 7.33 11.27 -2.54
C ALA A 34 7.52 9.76 -2.36
N THR A 35 8.70 9.38 -1.86
CA THR A 35 9.08 7.98 -1.73
C THR A 35 8.38 7.33 -0.53
N THR A 36 8.51 6.01 -0.44
CA THR A 36 7.92 5.19 0.61
C THR A 36 8.98 4.33 1.27
N PRO A 37 8.73 3.83 2.48
CA PRO A 37 9.69 2.93 3.11
C PRO A 37 9.67 1.56 2.46
N LEU A 38 10.81 0.86 2.58
CA LEU A 38 10.92 -0.48 2.03
C LEU A 38 10.14 -1.47 2.87
N ASP A 39 9.29 -2.26 2.22
CA ASP A 39 8.51 -3.27 2.92
C ASP A 39 9.41 -4.44 3.30
N PRO A 40 9.48 -4.82 4.58
CA PRO A 40 10.35 -5.94 4.97
C PRO A 40 10.15 -7.21 4.15
N ARG A 41 8.97 -7.44 3.61
CA ARG A 41 8.75 -8.62 2.76
C ARG A 41 9.52 -8.50 1.46
N VAL A 42 9.51 -7.32 0.83
CA VAL A 42 10.25 -7.13 -0.40
C VAL A 42 11.75 -7.23 -0.14
N LEU A 43 12.22 -6.62 0.95
CA LEU A 43 13.62 -6.80 1.33
C LEU A 43 13.95 -8.27 1.51
N ASP A 44 13.05 -9.03 2.14
CA ASP A 44 13.25 -10.47 2.26
C ASP A 44 13.37 -11.12 0.89
N ALA A 45 12.63 -10.62 -0.10
CA ALA A 45 12.72 -11.18 -1.44
C ALA A 45 14.08 -10.90 -2.09
N MET A 46 14.55 -9.65 -2.03
CA MET A 46 15.79 -9.30 -2.73
C MET A 46 17.05 -9.78 -2.01
N LEU A 47 17.00 -10.00 -0.70
CA LEU A 47 18.22 -10.30 0.04
C LEU A 47 18.99 -11.52 -0.49
N PRO A 48 18.36 -12.63 -0.88
CA PRO A 48 19.13 -13.70 -1.53
C PRO A 48 19.93 -13.23 -2.73
N TYR A 49 19.40 -12.26 -3.48
CA TYR A 49 20.07 -11.76 -4.67
C TYR A 49 21.06 -10.64 -4.38
N LEU A 50 20.96 -9.99 -3.21
CA LEU A 50 21.95 -9.02 -2.79
C LEU A 50 23.21 -9.67 -2.25
N ILE A 51 23.17 -10.96 -1.88
CA ILE A 51 24.31 -11.60 -1.25
C ILE A 51 25.11 -12.50 -2.18
N ASN A 52 24.63 -12.79 -3.38
CA ASN A 52 25.48 -13.50 -4.34
C ASN A 52 25.17 -12.99 -5.73
N TYR A 53 26.21 -12.87 -6.56
CA TYR A 53 26.12 -12.32 -7.93
C TYR A 53 26.94 -13.18 -8.88
N TRP A 66 20.35 -18.98 -16.22
CA TRP A 66 20.62 -19.26 -14.81
C TRP A 66 19.41 -18.94 -13.95
N GLU A 67 19.63 -18.74 -12.66
CA GLU A 67 18.55 -18.32 -11.76
C GLU A 67 18.09 -16.91 -12.07
N SER A 68 18.91 -16.11 -12.76
CA SER A 68 18.52 -14.75 -13.11
C SER A 68 17.30 -14.73 -14.02
N GLU A 69 17.32 -15.55 -15.06
CA GLU A 69 16.19 -15.56 -16.00
C GLU A 69 14.89 -15.97 -15.30
N ALA A 70 14.95 -16.98 -14.43
CA ALA A 70 13.75 -17.42 -13.73
C ALA A 70 13.25 -16.35 -12.75
N ALA A 71 14.16 -15.71 -12.02
CA ALA A 71 13.74 -14.67 -11.09
C ALA A 71 13.11 -13.49 -11.83
N MET A 72 13.71 -13.11 -12.97
CA MET A 72 13.16 -11.99 -13.73
C MET A 72 11.82 -12.34 -14.35
N GLU A 73 11.65 -13.57 -14.85
CA GLU A 73 10.38 -13.97 -15.43
C GLU A 73 9.28 -13.99 -14.36
N ARG A 74 9.59 -14.54 -13.18
CA ARG A 74 8.66 -14.44 -12.06
C ARG A 74 8.27 -12.99 -11.80
N ALA A 75 9.26 -12.10 -11.70
CA ALA A 75 8.96 -10.70 -11.41
C ALA A 75 8.05 -10.08 -12.46
N ARG A 76 8.28 -10.37 -13.74
CA ARG A 76 7.49 -9.69 -14.75
C ARG A 76 6.08 -10.26 -14.85
N GLN A 77 5.87 -11.54 -14.52
CA GLN A 77 4.49 -12.02 -14.44
C GLN A 77 3.80 -11.51 -13.16
N GLN A 78 4.57 -11.20 -12.11
CA GLN A 78 3.98 -10.52 -10.96
C GLN A 78 3.44 -9.15 -11.36
N VAL A 79 4.28 -8.32 -12.00
CA VAL A 79 3.83 -7.02 -12.48
C VAL A 79 2.61 -7.18 -13.38
N ALA A 80 2.72 -8.05 -14.39
CA ALA A 80 1.63 -8.24 -15.33
C ALA A 80 0.34 -8.62 -14.62
N SER A 81 0.43 -9.54 -13.65
CA SER A 81 -0.75 -9.95 -12.89
C SER A 81 -1.35 -8.81 -12.10
N LEU A 82 -0.52 -7.88 -11.63
CA LEU A 82 -1.09 -6.72 -10.93
C LEU A 82 -1.87 -5.83 -11.88
N ILE A 83 -1.34 -5.59 -13.09
CA ILE A 83 -2.02 -4.64 -13.98
C ILE A 83 -2.86 -5.33 -15.05
N GLY A 84 -2.93 -6.65 -15.06
CA GLY A 84 -3.75 -7.34 -16.04
C GLY A 84 -3.14 -7.44 -17.42
N ALA A 85 -1.82 -7.42 -17.52
CA ALA A 85 -1.13 -7.51 -18.78
C ALA A 85 -0.57 -8.92 -18.99
N ASP A 86 0.00 -9.15 -20.18
CA ASP A 86 0.78 -10.34 -20.42
C ASP A 86 2.20 -10.13 -19.91
N PRO A 87 2.91 -11.20 -19.55
CA PRO A 87 4.33 -11.03 -19.16
C PRO A 87 5.19 -10.50 -20.30
N ARG A 88 4.87 -10.82 -21.55
CA ARG A 88 5.63 -10.33 -22.69
C ARG A 88 5.53 -8.82 -22.85
N GLU A 89 4.54 -8.19 -22.22
CA GLU A 89 4.29 -6.77 -22.39
C GLU A 89 4.97 -5.90 -21.33
N ILE A 90 5.79 -6.49 -20.47
CA ILE A 90 6.41 -5.77 -19.36
C ILE A 90 7.91 -5.67 -19.60
N ILE A 91 8.44 -4.45 -19.55
CA ILE A 91 9.87 -4.20 -19.72
C ILE A 91 10.36 -3.42 -18.50
N PHE A 92 11.49 -3.85 -17.94
CA PHE A 92 12.03 -3.23 -16.74
C PHE A 92 12.91 -2.03 -17.10
N THR A 93 12.87 -1.01 -16.25
CA THR A 93 13.58 0.25 -16.47
C THR A 93 14.21 0.68 -15.15
N SER A 94 14.79 1.88 -15.14
CA SER A 94 15.39 2.48 -13.95
C SER A 94 14.36 3.15 -13.05
N GLY A 95 13.12 3.22 -13.48
CA GLY A 95 12.10 3.97 -12.77
C GLY A 95 11.10 4.61 -13.70
N ALA A 96 10.14 5.34 -13.15
CA ALA A 96 9.07 5.88 -13.98
C ALA A 96 9.56 7.01 -14.89
N THR A 97 10.65 7.69 -14.49
CA THR A 97 11.22 8.72 -15.36
C THR A 97 11.67 8.12 -16.69
N GLU A 98 12.45 7.04 -16.62
CA GLU A 98 12.89 6.36 -17.84
C GLU A 98 11.71 5.81 -18.62
N SER A 99 10.73 5.22 -17.92
CA SER A 99 9.54 4.69 -18.60
C SER A 99 8.81 5.79 -19.37
N ASN A 100 8.63 6.96 -18.74
CA ASN A 100 7.94 8.07 -19.38
C ASN A 100 8.71 8.56 -20.59
N ASN A 101 10.05 8.61 -20.49
CA ASN A 101 10.82 9.08 -21.64
C ASN A 101 10.74 8.08 -22.80
N ILE A 102 10.79 6.78 -22.50
CA ILE A 102 10.63 5.77 -23.55
C ILE A 102 9.26 5.90 -24.22
N ALA A 103 8.21 6.04 -23.41
CA ALA A 103 6.87 6.10 -23.98
C ALA A 103 6.68 7.36 -24.83
N ILE A 104 6.94 8.53 -24.23
CA ILE A 104 6.60 9.80 -24.87
C ILE A 104 7.56 10.12 -26.00
N LYS A 105 8.87 10.11 -25.72
CA LYS A 105 9.84 10.37 -26.77
C LYS A 105 9.90 9.22 -27.75
N GLY A 106 9.63 8.00 -27.28
CA GLY A 106 9.54 6.84 -28.13
C GLY A 106 8.50 6.99 -29.22
N VAL A 107 7.22 7.12 -28.84
CA VAL A 107 6.19 7.25 -29.87
C VAL A 107 6.38 8.55 -30.65
N ALA A 108 6.73 9.65 -29.97
CA ALA A 108 6.88 10.93 -30.64
C ALA A 108 7.89 10.83 -31.78
N ARG A 109 9.07 10.28 -31.50
CA ARG A 109 10.12 10.20 -32.52
C ARG A 109 9.84 9.12 -33.56
N PHE A 110 9.21 8.01 -33.16
CA PHE A 110 8.96 6.93 -34.12
C PHE A 110 8.02 7.38 -35.24
N TYR A 111 7.03 8.21 -34.92
CA TYR A 111 6.00 8.60 -35.89
C TYR A 111 6.20 10.02 -36.41
N ARG A 112 7.39 10.59 -36.24
CA ARG A 112 7.63 11.99 -36.57
C ARG A 112 7.22 12.32 -38.01
N SER A 113 7.46 11.38 -38.93
CA SER A 113 7.22 11.64 -40.34
C SER A 113 5.74 11.77 -40.69
N ARG A 114 4.83 11.44 -39.77
CA ARG A 114 3.41 11.53 -40.08
C ARG A 114 2.67 12.36 -39.04
N LYS A 115 3.11 12.31 -37.79
CA LYS A 115 2.41 12.96 -36.69
C LYS A 115 3.36 13.88 -35.95
N LYS A 116 2.86 15.05 -35.56
CA LYS A 116 3.69 16.05 -34.88
C LYS A 116 3.09 16.58 -33.58
N HIS A 117 1.87 16.19 -33.22
CA HIS A 117 1.17 16.75 -32.08
C HIS A 117 1.07 15.70 -30.98
N LEU A 118 1.37 16.11 -29.75
CA LEU A 118 1.20 15.27 -28.57
C LEU A 118 0.37 16.04 -27.56
N ILE A 119 -0.37 15.29 -26.74
CA ILE A 119 -1.27 15.88 -25.76
C ILE A 119 -0.88 15.36 -24.37
N THR A 120 -0.72 16.29 -23.43
CA THR A 120 -0.45 15.95 -22.04
C THR A 120 -1.27 16.91 -21.18
N THR A 121 -1.02 16.90 -19.88
CA THR A 121 -1.69 17.79 -18.94
C THR A 121 -0.66 18.70 -18.28
N GLN A 122 -1.13 19.84 -17.79
CA GLN A 122 -0.24 20.86 -17.25
C GLN A 122 0.36 20.48 -15.90
N THR A 123 -0.15 19.43 -15.26
CA THR A 123 0.26 19.09 -13.90
C THR A 123 0.95 17.73 -13.83
N GLU A 124 1.49 17.25 -14.95
CA GLU A 124 2.21 15.99 -14.94
C GLU A 124 3.49 16.11 -14.13
N HIS A 125 4.15 14.97 -13.94
CA HIS A 125 5.42 14.94 -13.23
C HIS A 125 6.43 15.86 -13.93
N LYS A 126 7.34 16.42 -13.13
CA LYS A 126 8.26 17.43 -13.64
C LYS A 126 9.10 16.90 -14.80
N CYS A 127 9.41 15.61 -14.81
CA CYS A 127 10.26 15.08 -15.86
C CYS A 127 9.47 14.80 -17.13
N VAL A 128 8.17 14.50 -17.00
CA VAL A 128 7.31 14.45 -18.19
C VAL A 128 7.30 15.82 -18.87
N LEU A 129 7.16 16.89 -18.08
CA LEU A 129 7.09 18.23 -18.65
C LEU A 129 8.43 18.65 -19.23
N ASP A 130 9.53 18.27 -18.58
CA ASP A 130 10.85 18.55 -19.14
C ASP A 130 11.03 17.85 -20.48
N SER A 131 10.67 16.57 -20.54
CA SER A 131 10.73 15.82 -21.78
C SER A 131 9.90 16.49 -22.87
N CYS A 132 8.66 16.85 -22.55
CA CYS A 132 7.79 17.49 -23.54
C CYS A 132 8.36 18.83 -24.01
N ARG A 133 8.98 19.58 -23.10
CA ARG A 133 9.67 20.80 -23.52
C ARG A 133 10.78 20.47 -24.52
N SER A 134 11.51 19.38 -24.29
CA SER A 134 12.54 18.97 -25.23
C SER A 134 11.94 18.64 -26.58
N LEU A 135 10.85 17.86 -26.60
CA LEU A 135 10.18 17.53 -27.84
C LEU A 135 9.73 18.78 -28.58
N GLU A 136 9.23 19.78 -27.84
CA GLU A 136 8.88 21.05 -28.47
C GLU A 136 10.09 21.68 -29.13
N ALA A 137 11.24 21.70 -28.43
CA ALA A 137 12.44 22.26 -29.03
C ALA A 137 12.88 21.47 -30.26
N GLU A 138 12.57 20.17 -30.32
CA GLU A 138 12.86 19.35 -31.49
C GLU A 138 11.89 19.57 -32.64
N GLY A 139 10.82 20.33 -32.45
CA GLY A 139 9.86 20.60 -33.51
C GLY A 139 8.44 20.10 -33.24
N PHE A 140 8.17 19.39 -32.16
CA PHE A 140 6.84 18.90 -31.90
C PHE A 140 5.97 20.00 -31.30
N GLN A 141 4.67 19.95 -31.58
CA GLN A 141 3.70 20.80 -30.91
C GLN A 141 3.01 19.94 -29.86
N VAL A 142 2.90 20.48 -28.64
CA VAL A 142 2.43 19.73 -27.49
C VAL A 142 1.36 20.57 -26.80
N THR A 143 0.16 20.01 -26.68
CA THR A 143 -0.93 20.66 -25.95
C THR A 143 -0.85 20.25 -24.47
N TYR A 144 -0.75 21.25 -23.60
CA TYR A 144 -0.76 21.03 -22.16
C TYR A 144 -2.17 21.35 -21.66
N LEU A 145 -2.95 20.31 -21.39
CA LEU A 145 -4.31 20.51 -20.92
C LEU A 145 -4.33 20.96 -19.47
N PRO A 146 -5.14 21.95 -19.13
CA PRO A 146 -5.36 22.26 -17.72
C PRO A 146 -6.39 21.32 -17.12
N VAL A 147 -6.28 21.12 -15.82
CA VAL A 147 -7.27 20.35 -15.06
C VAL A 147 -8.17 21.34 -14.33
N GLN A 148 -9.46 21.01 -14.24
CA GLN A 148 -10.43 21.92 -13.63
C GLN A 148 -10.19 22.00 -12.12
N LYS A 149 -11.01 22.83 -11.46
CA LYS A 149 -10.94 22.95 -10.01
C LYS A 149 -11.15 21.60 -9.32
N SER A 150 -11.98 20.73 -9.92
CA SER A 150 -12.16 19.39 -9.39
C SER A 150 -10.88 18.56 -9.40
N GLY A 151 -9.89 18.96 -10.21
CA GLY A 151 -8.68 18.18 -10.36
C GLY A 151 -8.72 17.17 -11.48
N ILE A 152 -9.80 17.13 -12.25
CA ILE A 152 -9.98 16.18 -13.34
C ILE A 152 -9.93 16.95 -14.65
N ILE A 153 -9.37 16.33 -15.71
CA ILE A 153 -9.32 16.96 -17.03
C ILE A 153 -10.70 16.90 -17.67
N ASP A 154 -10.97 17.85 -18.56
CA ASP A 154 -12.25 17.97 -19.27
C ASP A 154 -12.18 17.14 -20.55
N LEU A 155 -13.00 16.09 -20.61
CA LEU A 155 -12.96 15.17 -21.76
C LEU A 155 -13.30 15.89 -23.07
N LYS A 156 -14.25 16.84 -23.03
CA LYS A 156 -14.57 17.60 -24.21
C LYS A 156 -13.36 18.41 -24.71
N GLU A 157 -12.63 19.03 -23.78
CA GLU A 157 -11.39 19.71 -24.14
C GLU A 157 -10.41 18.73 -24.79
N LEU A 158 -10.29 17.53 -24.22
CA LEU A 158 -9.35 16.54 -24.75
C LEU A 158 -9.68 16.19 -26.19
N GLU A 159 -10.87 15.63 -26.44
CA GLU A 159 -11.16 15.20 -27.80
C GLU A 159 -11.27 16.37 -28.76
N ALA A 160 -11.60 17.57 -28.27
CA ALA A 160 -11.53 18.75 -29.13
C ALA A 160 -10.08 19.05 -29.52
N ALA A 161 -9.12 18.74 -28.65
CA ALA A 161 -7.73 19.06 -28.93
C ALA A 161 -7.10 18.13 -29.95
N ILE A 162 -7.66 16.93 -30.16
CA ILE A 162 -7.04 15.97 -31.06
C ILE A 162 -7.07 16.50 -32.49
N GLN A 163 -5.93 16.37 -33.18
CA GLN A 163 -5.75 16.89 -34.52
C GLN A 163 -5.49 15.74 -35.49
N PRO A 164 -5.47 15.98 -36.80
CA PRO A 164 -5.11 14.88 -37.72
C PRO A 164 -3.70 14.35 -37.53
N ASP A 165 -2.83 15.08 -36.82
CA ASP A 165 -1.43 14.71 -36.67
C ASP A 165 -1.06 14.39 -35.23
N THR A 166 -2.03 14.00 -34.41
CA THR A 166 -1.75 13.53 -33.06
C THR A 166 -1.35 12.05 -33.08
N SER A 167 -0.23 11.74 -32.42
CA SER A 167 0.19 10.36 -32.22
C SER A 167 -0.04 9.88 -30.80
N LEU A 168 -0.01 10.78 -29.81
CA LEU A 168 0.08 10.35 -28.42
C LEU A 168 -0.74 11.26 -27.51
N VAL A 169 -1.48 10.62 -26.60
CA VAL A 169 -2.09 11.27 -25.45
C VAL A 169 -1.47 10.67 -24.20
N SER A 170 -0.95 11.53 -23.33
CA SER A 170 -0.31 11.10 -22.08
C SER A 170 -0.99 11.82 -20.93
N VAL A 171 -1.70 11.08 -20.09
CA VAL A 171 -2.45 11.63 -18.97
C VAL A 171 -2.13 10.82 -17.73
N MET A 172 -1.66 11.49 -16.67
CA MET A 172 -1.52 10.90 -15.34
C MET A 172 -2.72 10.03 -14.99
N THR A 173 -2.45 8.86 -14.41
CA THR A 173 -3.54 8.02 -13.95
C THR A 173 -4.32 8.69 -12.83
N VAL A 174 -3.64 9.51 -12.04
CA VAL A 174 -4.15 10.00 -10.77
C VAL A 174 -3.54 11.37 -10.49
N ASN A 175 -4.35 12.28 -9.97
CA ASN A 175 -3.88 13.62 -9.61
C ASN A 175 -3.19 13.55 -8.26
N ASN A 176 -1.85 13.49 -8.28
CA ASN A 176 -1.05 13.40 -7.06
C ASN A 176 -1.22 14.63 -6.16
N GLU A 177 -1.64 15.76 -6.72
CA GLU A 177 -1.64 16.98 -5.92
C GLU A 177 -2.83 17.08 -4.98
N ILE A 178 -4.03 16.75 -5.48
CA ILE A 178 -5.25 16.93 -4.70
C ILE A 178 -5.99 15.63 -4.42
N GLY A 179 -5.72 14.55 -5.15
CA GLY A 179 -6.23 13.25 -4.79
C GLY A 179 -7.41 12.70 -5.57
N VAL A 180 -7.57 13.08 -6.84
CA VAL A 180 -8.61 12.49 -7.68
C VAL A 180 -8.00 11.52 -8.67
N LYS A 181 -8.84 10.58 -9.11
CA LYS A 181 -8.54 9.68 -10.21
C LYS A 181 -8.98 10.31 -11.52
N GLN A 182 -8.14 10.19 -12.53
CA GLN A 182 -8.51 10.64 -13.85
C GLN A 182 -9.37 9.58 -14.53
N PRO A 183 -10.29 9.99 -15.41
CA PRO A 183 -11.16 9.01 -16.08
C PRO A 183 -10.40 8.23 -17.13
N ILE A 184 -9.52 7.33 -16.68
CA ILE A 184 -8.60 6.65 -17.58
C ILE A 184 -9.35 5.84 -18.62
N ALA A 185 -10.35 5.07 -18.19
CA ALA A 185 -11.09 4.22 -19.11
C ALA A 185 -11.75 5.03 -20.22
N GLU A 186 -12.44 6.12 -19.86
CA GLU A 186 -13.09 6.95 -20.86
C GLU A 186 -12.08 7.56 -21.84
N ILE A 187 -10.93 8.00 -21.32
CA ILE A 187 -9.89 8.55 -22.20
C ILE A 187 -9.41 7.48 -23.16
N GLY A 188 -9.17 6.26 -22.66
CA GLY A 188 -8.79 5.17 -23.54
C GLY A 188 -9.82 4.91 -24.62
N ARG A 189 -11.10 5.09 -24.29
CA ARG A 189 -12.14 4.97 -25.31
C ARG A 189 -11.98 6.03 -26.38
N ILE A 190 -11.88 7.30 -25.96
CA ILE A 190 -11.69 8.39 -26.91
C ILE A 190 -10.50 8.11 -27.82
N CYS A 191 -9.34 7.82 -27.22
CA CYS A 191 -8.12 7.60 -27.98
C CYS A 191 -8.26 6.42 -28.93
N SER A 192 -8.99 5.38 -28.51
CA SER A 192 -9.20 4.24 -29.38
C SER A 192 -10.03 4.63 -30.59
N SER A 193 -11.12 5.35 -30.37
CA SER A 193 -11.92 5.82 -31.49
C SER A 193 -11.11 6.69 -32.44
N ARG A 194 -10.22 7.51 -31.90
CA ARG A 194 -9.46 8.45 -32.70
C ARG A 194 -8.15 7.89 -33.25
N LYS A 195 -7.82 6.64 -32.92
CA LYS A 195 -6.58 6.00 -33.36
C LYS A 195 -5.35 6.76 -32.85
N VAL A 196 -5.30 6.89 -31.52
CA VAL A 196 -4.24 7.60 -30.82
C VAL A 196 -3.59 6.65 -29.82
N TYR A 197 -2.28 6.76 -29.67
CA TYR A 197 -1.58 6.00 -28.64
C TYR A 197 -1.89 6.60 -27.27
N PHE A 198 -2.33 5.76 -26.34
CA PHE A 198 -2.69 6.21 -25.01
C PHE A 198 -1.64 5.71 -24.01
N HIS A 199 -0.97 6.65 -23.36
CA HIS A 199 -0.01 6.35 -22.33
C HIS A 199 -0.46 6.97 -21.01
N THR A 200 -0.19 6.29 -19.90
CA THR A 200 -0.53 6.85 -18.61
C THR A 200 0.58 6.59 -17.60
N ASP A 201 0.79 7.59 -16.75
CA ASP A 201 1.77 7.55 -15.67
C ASP A 201 1.05 7.06 -14.42
N ALA A 202 1.31 5.81 -14.04
CA ALA A 202 0.65 5.18 -12.91
C ALA A 202 1.55 5.05 -11.69
N ALA A 203 2.69 5.74 -11.68
CA ALA A 203 3.65 5.64 -10.58
C ALA A 203 2.96 5.82 -9.23
N GLN A 204 2.06 6.81 -9.14
CA GLN A 204 1.35 7.11 -7.91
C GLN A 204 0.03 6.37 -7.79
N ALA A 205 -0.34 5.54 -8.77
CA ALA A 205 -1.64 4.88 -8.80
C ALA A 205 -1.55 3.37 -8.60
N VAL A 206 -0.50 2.73 -9.12
CA VAL A 206 -0.34 1.29 -8.98
C VAL A 206 -0.40 0.90 -7.51
N GLY A 207 -1.20 -0.12 -7.20
CA GLY A 207 -1.32 -0.61 -5.85
C GLY A 207 -2.31 0.14 -4.98
N LYS A 208 -2.61 1.40 -5.29
CA LYS A 208 -3.58 2.16 -4.51
C LYS A 208 -5.00 2.03 -5.07
N ILE A 209 -5.15 2.03 -6.40
CA ILE A 209 -6.44 1.81 -7.03
C ILE A 209 -6.31 0.67 -8.05
N PRO A 210 -7.38 -0.10 -8.28
CA PRO A 210 -7.29 -1.19 -9.28
C PRO A 210 -7.03 -0.66 -10.67
N LEU A 211 -6.22 -1.39 -11.43
CA LEU A 211 -5.88 -1.05 -12.81
C LEU A 211 -5.93 -2.31 -13.65
N ASP A 212 -6.45 -2.18 -14.87
CA ASP A 212 -6.45 -3.26 -15.84
C ASP A 212 -6.23 -2.68 -17.23
N VAL A 213 -5.18 -3.14 -17.90
CA VAL A 213 -4.68 -2.47 -19.10
C VAL A 213 -5.70 -2.52 -20.23
N ASN A 214 -6.35 -3.68 -20.42
CA ASN A 214 -7.26 -3.81 -21.55
C ASN A 214 -8.61 -3.11 -21.31
N ASP A 215 -9.12 -3.15 -20.08
CA ASP A 215 -10.34 -2.41 -19.76
C ASP A 215 -10.18 -0.93 -20.04
N MET A 216 -9.05 -0.36 -19.62
CA MET A 216 -8.78 1.07 -19.81
C MET A 216 -8.19 1.39 -21.17
N LYS A 217 -7.93 0.37 -22.00
CA LYS A 217 -7.35 0.55 -23.33
C LYS A 217 -6.01 1.29 -23.25
N ILE A 218 -5.19 0.86 -22.31
CA ILE A 218 -3.83 1.39 -22.15
C ILE A 218 -2.98 0.90 -23.31
N ASP A 219 -2.21 1.80 -23.91
CA ASP A 219 -1.15 1.38 -24.81
C ASP A 219 0.21 1.36 -24.13
N LEU A 220 0.49 2.34 -23.26
CA LEU A 220 1.75 2.37 -22.53
C LEU A 220 1.49 2.81 -21.10
N MET A 221 2.22 2.21 -20.16
CA MET A 221 2.04 2.57 -18.76
C MET A 221 3.37 2.63 -18.03
N SER A 222 3.54 3.66 -17.19
CA SER A 222 4.75 3.81 -16.40
C SER A 222 4.52 3.39 -14.95
N ILE A 223 5.47 2.64 -14.40
CA ILE A 223 5.41 2.09 -13.05
C ILE A 223 6.73 2.37 -12.34
N SER A 224 6.64 2.77 -11.07
CA SER A 224 7.82 3.07 -10.26
C SER A 224 7.88 2.14 -9.04
N GLY A 225 9.07 1.65 -8.74
CA GLY A 225 9.27 0.68 -7.68
C GLY A 225 9.17 1.24 -6.26
N HIS A 226 9.82 2.36 -6.00
CA HIS A 226 9.84 2.94 -4.66
C HIS A 226 8.63 3.81 -4.37
N LYS A 227 7.66 3.88 -5.28
CA LYS A 227 6.39 4.49 -4.98
C LYS A 227 5.40 3.49 -4.39
N ILE A 228 5.76 2.21 -4.38
CA ILE A 228 4.89 1.15 -3.86
C ILE A 228 5.68 0.27 -2.89
N TYR A 229 6.50 0.90 -2.05
CA TYR A 229 7.25 0.24 -0.98
C TYR A 229 8.27 -0.75 -1.52
N GLY A 230 8.71 -0.56 -2.76
CA GLY A 230 9.82 -1.29 -3.31
C GLY A 230 11.08 -0.45 -3.32
N PRO A 231 12.11 -0.90 -4.02
CA PRO A 231 13.40 -0.22 -3.98
C PRO A 231 13.55 0.84 -5.07
N LYS A 232 14.34 1.87 -4.74
CA LYS A 232 14.71 2.89 -5.70
C LYS A 232 15.68 2.33 -6.73
N GLY A 233 15.58 2.84 -7.96
CA GLY A 233 16.42 2.39 -9.04
C GLY A 233 15.76 1.39 -9.98
N VAL A 234 14.48 1.09 -9.79
CA VAL A 234 13.78 0.10 -10.59
C VAL A 234 12.45 0.67 -11.03
N GLY A 235 12.01 0.29 -12.22
CA GLY A 235 10.72 0.71 -12.75
C GLY A 235 10.26 -0.25 -13.81
N ALA A 236 9.09 0.03 -14.37
CA ALA A 236 8.57 -0.80 -15.45
C ALA A 236 7.82 0.08 -16.44
N ILE A 237 7.83 -0.36 -17.69
CA ILE A 237 6.96 0.17 -18.73
C ILE A 237 6.14 -1.00 -19.27
N TYR A 238 4.84 -0.80 -19.37
CA TYR A 238 3.95 -1.73 -20.05
C TYR A 238 3.74 -1.25 -21.48
N ILE A 239 4.07 -2.11 -22.44
CA ILE A 239 3.85 -1.85 -23.86
C ILE A 239 2.93 -2.93 -24.39
N ARG A 240 1.79 -2.52 -24.95
CA ARG A 240 0.84 -3.48 -25.50
C ARG A 240 1.41 -4.13 -26.76
N ARG A 241 1.26 -5.45 -26.86
CA ARG A 241 1.77 -6.22 -27.98
C ARG A 241 0.64 -6.57 -28.95
N ARG A 242 1.03 -6.95 -30.18
CA ARG A 242 0.04 -7.06 -31.26
C ARG A 242 -0.90 -8.26 -31.06
N PRO A 243 -0.41 -9.51 -30.99
CA PRO A 243 -1.40 -10.57 -30.78
C PRO A 243 -1.94 -10.60 -29.35
N THR A 264 20.89 -5.70 -18.19
CA THR A 264 20.45 -4.33 -18.43
C THR A 264 20.01 -3.66 -17.14
N VAL A 265 19.14 -4.34 -16.39
CA VAL A 265 18.65 -3.87 -15.11
C VAL A 265 19.04 -4.91 -14.05
N PRO A 266 19.66 -4.51 -12.94
CA PRO A 266 20.16 -5.50 -11.97
C PRO A 266 19.02 -6.35 -11.40
N THR A 267 19.21 -7.66 -11.47
CA THR A 267 18.13 -8.57 -11.10
C THR A 267 17.62 -8.43 -9.66
N PRO A 268 18.45 -8.11 -8.64
CA PRO A 268 17.85 -7.90 -7.31
C PRO A 268 16.79 -6.82 -7.32
N LEU A 269 16.98 -5.79 -8.14
CA LEU A 269 16.00 -4.71 -8.21
C LEU A 269 14.73 -5.17 -8.92
N VAL A 270 14.85 -6.03 -9.93
CA VAL A 270 13.65 -6.46 -10.64
C VAL A 270 12.85 -7.44 -9.79
N VAL A 271 13.53 -8.32 -9.04
CA VAL A 271 12.77 -9.20 -8.16
C VAL A 271 12.18 -8.38 -7.01
N GLY A 272 12.86 -7.30 -6.63
CA GLY A 272 12.26 -6.39 -5.66
C GLY A 272 10.97 -5.77 -6.18
N LEU A 273 11.01 -5.26 -7.41
CA LEU A 273 9.81 -4.68 -8.01
C LEU A 273 8.68 -5.70 -8.09
N GLY A 274 8.99 -6.91 -8.56
CA GLY A 274 7.97 -7.94 -8.64
C GLY A 274 7.37 -8.29 -7.29
N ALA A 275 8.22 -8.37 -6.26
CA ALA A 275 7.73 -8.64 -4.91
C ALA A 275 6.83 -7.52 -4.40
N ALA A 276 7.26 -6.27 -4.59
CA ALA A 276 6.41 -5.14 -4.22
C ALA A 276 5.07 -5.20 -4.93
N CYS A 277 5.06 -5.57 -6.22
CA CYS A 277 3.82 -5.65 -6.97
C CYS A 277 2.91 -6.74 -6.42
N GLU A 278 3.47 -7.92 -6.09
CA GLU A 278 2.66 -8.99 -5.52
C GLU A 278 2.09 -8.58 -4.17
N VAL A 279 2.91 -7.96 -3.33
CA VAL A 279 2.44 -7.52 -2.02
C VAL A 279 1.31 -6.50 -2.17
N ALA A 280 1.42 -5.61 -3.16
CA ALA A 280 0.37 -4.62 -3.40
C ALA A 280 -0.92 -5.29 -3.85
N GLN A 281 -0.82 -6.22 -4.80
CA GLN A 281 -2.01 -6.91 -5.28
C GLN A 281 -2.69 -7.65 -4.15
N GLN A 282 -1.92 -8.21 -3.21
CA GLN A 282 -2.51 -8.90 -2.07
C GLN A 282 -3.03 -7.96 -1.00
N GLU A 283 -2.51 -6.73 -0.93
CA GLU A 283 -2.81 -5.81 0.17
C GLU A 283 -3.75 -4.68 -0.23
N MET A 284 -4.27 -4.67 -1.46
CA MET A 284 -4.95 -3.48 -1.98
C MET A 284 -6.20 -3.13 -1.17
N GLU A 285 -7.05 -4.12 -0.88
CA GLU A 285 -8.30 -3.82 -0.19
C GLU A 285 -8.05 -3.41 1.26
N TYR A 286 -7.24 -4.18 1.98
CA TYR A 286 -6.95 -3.88 3.37
C TYR A 286 -6.31 -2.50 3.51
N ASP A 287 -5.29 -2.23 2.71
CA ASP A 287 -4.70 -0.90 2.74
C ASP A 287 -5.70 0.17 2.31
N HIS A 288 -6.62 -0.18 1.42
CA HIS A 288 -7.61 0.79 0.96
C HIS A 288 -8.47 1.27 2.13
N LYS A 289 -9.10 0.35 2.84
CA LYS A 289 -9.97 0.78 3.93
C LYS A 289 -9.19 1.22 5.16
N ARG A 290 -7.93 0.82 5.27
CA ARG A 290 -7.10 1.34 6.37
C ARG A 290 -6.76 2.80 6.13
N ILE A 291 -6.07 3.09 5.02
CA ILE A 291 -5.76 4.46 4.65
C ILE A 291 -7.02 5.31 4.63
N SER A 292 -8.16 4.72 4.24
CA SER A 292 -9.43 5.44 4.28
C SER A 292 -9.82 5.77 5.72
N LYS A 293 -9.71 4.78 6.62
CA LYS A 293 -10.03 5.02 8.03
C LYS A 293 -9.21 6.17 8.60
N LEU A 294 -7.89 6.14 8.36
CA LEU A 294 -7.03 7.19 8.91
C LEU A 294 -7.28 8.53 8.24
N SER A 295 -7.66 8.53 6.95
CA SER A 295 -7.99 9.78 6.29
C SER A 295 -9.25 10.39 6.91
N GLU A 296 -10.26 9.57 7.19
CA GLU A 296 -11.46 10.09 7.85
C GLU A 296 -11.13 10.62 9.24
N ARG A 297 -10.20 9.94 9.95
CA ARG A 297 -9.78 10.45 11.25
C ARG A 297 -9.11 11.80 11.12
N LEU A 298 -8.22 11.95 10.15
CA LEU A 298 -7.52 13.23 9.95
C LEU A 298 -8.50 14.34 9.61
N ILE A 299 -9.27 14.16 8.53
CA ILE A 299 -10.20 15.18 8.06
C ILE A 299 -11.21 15.53 9.14
N GLN A 300 -11.85 14.53 9.73
CA GLN A 300 -12.88 14.79 10.74
C GLN A 300 -12.29 15.42 11.99
N ASN A 301 -11.03 15.09 12.32
CA ASN A 301 -10.41 15.65 13.52
C ASN A 301 -10.04 17.11 13.33
N ILE A 302 -9.56 17.48 12.13
CA ILE A 302 -9.30 18.89 11.86
C ILE A 302 -10.62 19.66 11.78
N MET A 303 -11.62 19.08 11.10
CA MET A 303 -12.91 19.74 10.94
C MET A 303 -13.57 20.01 12.29
N LYS A 304 -13.31 19.16 13.29
CA LYS A 304 -13.91 19.37 14.61
C LYS A 304 -13.26 20.55 15.33
N SER A 305 -11.93 20.67 15.23
CA SER A 305 -11.22 21.77 15.87
C SER A 305 -11.23 23.05 15.05
N LEU A 306 -11.61 22.98 13.78
CA LEU A 306 -11.71 24.16 12.91
C LEU A 306 -12.68 23.84 11.77
N PRO A 307 -13.89 24.40 11.78
CA PRO A 307 -14.89 24.06 10.76
C PRO A 307 -14.74 24.83 9.46
N ASP A 308 -13.72 25.68 9.32
CA ASP A 308 -13.58 26.48 8.09
C ASP A 308 -12.86 25.74 6.98
N VAL A 309 -12.17 24.65 7.29
CA VAL A 309 -11.33 23.99 6.29
C VAL A 309 -12.20 23.16 5.36
N VAL A 310 -11.72 22.99 4.13
CA VAL A 310 -12.46 22.32 3.07
C VAL A 310 -11.52 21.32 2.39
N MET A 311 -12.09 20.22 1.93
CA MET A 311 -11.33 19.20 1.20
C MET A 311 -11.55 19.42 -0.30
N ASN A 312 -10.47 19.73 -1.00
CA ASN A 312 -10.55 20.00 -2.43
C ASN A 312 -10.69 18.72 -3.22
N GLY A 313 -11.11 18.87 -4.48
CA GLY A 313 -11.27 17.73 -5.36
C GLY A 313 -12.67 17.15 -5.33
N ASP A 314 -13.08 16.60 -6.46
CA ASP A 314 -14.38 15.95 -6.59
C ASP A 314 -14.48 14.81 -5.58
N PRO A 315 -15.41 14.86 -4.62
CA PRO A 315 -15.49 13.80 -3.60
C PRO A 315 -15.84 12.45 -4.17
N LYS A 316 -16.50 12.40 -5.34
CA LYS A 316 -16.86 11.14 -5.95
C LYS A 316 -15.67 10.42 -6.58
N HIS A 317 -14.50 11.05 -6.63
CA HIS A 317 -13.35 10.48 -7.33
C HIS A 317 -12.08 10.51 -6.50
N HIS A 318 -12.19 10.73 -5.19
CA HIS A 318 -11.02 10.62 -4.34
C HIS A 318 -10.53 9.18 -4.30
N TYR A 319 -9.25 9.02 -4.04
CA TYR A 319 -8.63 7.72 -3.81
C TYR A 319 -7.83 7.80 -2.52
N PRO A 320 -7.59 6.66 -1.86
CA PRO A 320 -6.98 6.70 -0.53
C PRO A 320 -5.49 7.01 -0.60
N GLY A 321 -5.06 7.97 0.23
CA GLY A 321 -3.64 8.23 0.37
C GLY A 321 -3.23 9.67 0.19
N CYS A 322 -4.12 10.50 -0.33
CA CYS A 322 -3.78 11.84 -0.77
C CYS A 322 -4.94 12.77 -0.42
N ILE A 323 -4.74 13.62 0.58
CA ILE A 323 -5.76 14.54 1.08
C ILE A 323 -5.24 15.96 0.96
N ASN A 324 -6.02 16.82 0.30
CA ASN A 324 -5.68 18.23 0.15
C ASN A 324 -6.76 19.07 0.81
N LEU A 325 -6.38 19.79 1.86
CA LEU A 325 -7.28 20.67 2.58
C LEU A 325 -6.89 22.13 2.36
N SER A 326 -7.88 23.02 2.42
CA SER A 326 -7.66 24.45 2.27
C SER A 326 -8.05 25.19 3.54
N PHE A 327 -7.33 26.25 3.84
CA PHE A 327 -7.59 27.12 4.97
C PHE A 327 -8.11 28.47 4.47
N ALA A 328 -8.51 29.30 5.42
CA ALA A 328 -9.02 30.63 5.08
C ALA A 328 -8.73 31.61 6.21
N SER A 373 -4.96 29.50 1.67
CA SER A 373 -3.95 28.56 1.21
C SER A 373 -4.35 27.12 1.50
N SER A 374 -3.58 26.17 0.96
CA SER A 374 -3.92 24.77 1.07
C SER A 374 -2.66 23.96 1.41
N ILE A 375 -2.88 22.84 2.11
CA ILE A 375 -1.80 21.93 2.50
C ILE A 375 -2.21 20.51 2.17
N ARG A 376 -1.22 19.67 1.87
CA ARG A 376 -1.45 18.30 1.41
C ARG A 376 -0.89 17.30 2.40
N PHE A 377 -1.66 16.26 2.70
CA PHE A 377 -1.28 15.19 3.60
C PHE A 377 -1.14 13.88 2.84
N GLY A 378 -0.24 13.02 3.31
CA GLY A 378 -0.05 11.71 2.73
C GLY A 378 -0.19 10.58 3.73
N ILE A 379 -1.10 9.66 3.48
CA ILE A 379 -1.33 8.49 4.33
C ILE A 379 -1.12 7.24 3.50
N GLY A 380 -0.32 6.31 4.02
CA GLY A 380 -0.04 5.08 3.30
C GLY A 380 0.06 3.91 4.25
N ARG A 381 0.33 2.74 3.67
CA ARG A 381 0.68 1.58 4.48
C ARG A 381 1.83 1.94 5.42
N PHE A 382 1.73 1.46 6.65
CA PHE A 382 2.67 1.67 7.76
C PHE A 382 2.43 2.99 8.50
N THR A 383 1.49 3.82 8.06
CA THR A 383 1.15 5.03 8.81
C THR A 383 0.29 4.66 10.01
N THR A 384 0.67 5.15 11.18
CA THR A 384 0.02 4.81 12.43
C THR A 384 -1.00 5.87 12.83
N GLU A 385 -1.85 5.51 13.80
CA GLU A 385 -2.81 6.47 14.33
C GLU A 385 -2.12 7.56 15.13
N GLU A 386 -0.94 7.27 15.69
CA GLU A 386 -0.20 8.29 16.42
C GLU A 386 0.27 9.41 15.49
N GLU A 387 0.70 9.06 14.28
CA GLU A 387 1.16 10.07 13.33
C GLU A 387 0.00 10.96 12.88
N VAL A 388 -1.14 10.34 12.55
CA VAL A 388 -2.32 11.12 12.19
C VAL A 388 -2.73 12.02 13.35
N ASP A 389 -2.68 11.49 14.58
CA ASP A 389 -3.03 12.28 15.76
C ASP A 389 -2.00 13.37 16.04
N TYR A 390 -0.78 13.24 15.54
CA TYR A 390 0.21 14.31 15.72
C TYR A 390 -0.01 15.41 14.69
N THR A 391 0.13 15.09 13.40
CA THR A 391 0.04 16.10 12.37
C THR A 391 -1.33 16.76 12.30
N VAL A 392 -2.33 16.23 13.02
CA VAL A 392 -3.61 16.92 13.11
C VAL A 392 -3.51 18.13 14.04
N GLU A 393 -2.66 18.07 15.06
CA GLU A 393 -2.52 19.16 16.01
C GLU A 393 -1.37 20.10 15.66
N LYS A 394 -0.25 19.55 15.18
CA LYS A 394 0.84 20.41 14.73
C LYS A 394 0.39 21.31 13.58
N CYS A 395 -0.56 20.82 12.77
CA CYS A 395 -1.16 21.69 11.76
C CYS A 395 -2.21 22.61 12.35
N ILE A 396 -2.90 22.16 13.41
CA ILE A 396 -3.88 23.01 14.08
C ILE A 396 -3.17 24.08 14.91
N GLN A 397 -1.95 23.80 15.38
CA GLN A 397 -1.17 24.80 16.09
C GLN A 397 -0.83 25.98 15.19
N HIS A 398 -0.77 25.74 13.88
CA HIS A 398 -0.52 26.79 12.89
C HIS A 398 -1.73 27.72 12.82
N VAL A 399 -1.84 28.58 13.83
CA VAL A 399 -2.94 29.53 13.94
C VAL A 399 -2.43 30.83 13.33
N LYS A 400 -2.54 30.95 12.02
CA LYS A 400 -2.12 32.15 11.30
C LYS A 400 -2.93 33.37 11.70
N ALA B 3 -4.65 -31.74 7.74
CA ALA B 3 -5.23 -30.68 8.57
C ALA B 3 -4.18 -30.04 9.45
N SER B 4 -4.63 -29.22 10.41
CA SER B 4 -3.72 -28.53 11.32
C SER B 4 -4.45 -28.09 12.58
N SER B 5 -5.40 -28.90 13.05
CA SER B 5 -6.05 -28.80 14.36
C SER B 5 -6.49 -27.37 14.64
N ARG B 6 -6.49 -26.99 15.93
CA ARG B 6 -6.85 -25.64 16.36
C ARG B 6 -5.75 -25.07 17.25
N ALA B 7 -5.26 -25.88 18.19
CA ALA B 7 -4.13 -25.44 19.01
C ALA B 7 -2.90 -25.15 18.16
N GLN B 8 -2.81 -25.77 16.97
CA GLN B 8 -1.71 -25.47 16.07
C GLN B 8 -1.76 -24.01 15.62
N VAL B 9 -2.92 -23.57 15.13
CA VAL B 9 -3.03 -22.20 14.66
C VAL B 9 -3.01 -21.20 15.81
N LEU B 10 -3.39 -21.63 17.02
CA LEU B 10 -3.28 -20.75 18.18
C LEU B 10 -1.82 -20.53 18.57
N ALA B 11 -1.03 -21.61 18.59
CA ALA B 11 0.40 -21.46 18.81
C ALA B 11 1.03 -20.63 17.69
N LEU B 12 0.58 -20.82 16.45
CA LEU B 12 1.08 -20.04 15.33
C LEU B 12 0.84 -18.56 15.54
N TYR B 13 -0.40 -18.19 15.87
CA TYR B 13 -0.78 -16.78 16.08
C TYR B 13 0.01 -16.18 17.24
N ARG B 14 0.13 -16.93 18.32
CA ARG B 14 0.98 -16.52 19.43
C ARG B 14 2.41 -16.27 18.96
N ALA B 15 2.90 -17.11 18.03
CA ALA B 15 4.28 -17.00 17.58
C ALA B 15 4.48 -15.77 16.72
N MET B 16 3.53 -15.46 15.84
CA MET B 16 3.67 -14.27 15.02
C MET B 16 3.52 -13.00 15.83
N LEU B 17 2.65 -13.01 16.84
CA LEU B 17 2.59 -11.86 17.73
C LEU B 17 3.92 -11.67 18.45
N ARG B 18 4.43 -12.74 19.06
CA ARG B 18 5.68 -12.66 19.81
C ARG B 18 6.82 -12.17 18.93
N GLU B 19 6.98 -12.77 17.75
CA GLU B 19 8.07 -12.39 16.86
C GLU B 19 7.90 -10.98 16.34
N SER B 20 6.69 -10.63 15.90
CA SER B 20 6.44 -9.29 15.37
C SER B 20 6.66 -8.22 16.43
N LYS B 21 6.52 -8.56 17.71
CA LYS B 21 6.81 -7.59 18.76
C LYS B 21 8.29 -7.25 18.86
N ARG B 22 9.16 -8.01 18.19
CA ARG B 22 10.61 -7.80 18.26
C ARG B 22 11.13 -6.99 17.08
N PHE B 23 10.24 -6.45 16.23
CA PHE B 23 10.67 -5.53 15.20
C PHE B 23 11.28 -4.29 15.82
N SER B 24 12.46 -3.89 15.34
CA SER B 24 13.13 -2.72 15.90
C SER B 24 12.39 -1.44 15.54
N ALA B 25 11.84 -1.38 14.32
CA ALA B 25 11.13 -0.18 13.88
C ALA B 25 9.69 -0.20 14.39
N TYR B 26 9.21 0.98 14.80
CA TYR B 26 7.87 1.09 15.37
C TYR B 26 6.79 0.77 14.34
N ASN B 27 6.87 1.41 13.17
CA ASN B 27 5.82 1.24 12.16
C ASN B 27 5.74 -0.21 11.70
N TYR B 28 6.87 -0.88 11.56
CA TYR B 28 6.86 -2.28 11.13
C TYR B 28 6.21 -3.17 12.17
N ARG B 29 6.42 -2.87 13.45
CA ARG B 29 5.87 -3.73 14.49
C ARG B 29 4.37 -3.48 14.69
N THR B 30 3.92 -2.22 14.66
CA THR B 30 2.50 -1.96 14.79
C THR B 30 1.74 -2.45 13.57
N TYR B 31 2.32 -2.28 12.38
CA TYR B 31 1.69 -2.83 11.19
C TYR B 31 1.66 -4.35 11.26
N ALA B 32 2.71 -4.95 11.83
CA ALA B 32 2.75 -6.41 11.91
C ALA B 32 1.68 -6.95 12.85
N VAL B 33 1.58 -6.40 14.06
CA VAL B 33 0.62 -6.95 15.01
C VAL B 33 -0.81 -6.57 14.64
N ARG B 34 -1.02 -5.39 14.06
CA ARG B 34 -2.35 -5.02 13.60
C ARG B 34 -2.77 -5.88 12.40
N ARG B 35 -1.83 -6.10 11.48
CA ARG B 35 -2.09 -6.95 10.33
C ARG B 35 -2.43 -8.38 10.75
N ILE B 36 -1.66 -8.92 11.72
CA ILE B 36 -1.88 -10.28 12.16
C ILE B 36 -3.21 -10.40 12.91
N ARG B 37 -3.45 -9.48 13.86
CA ARG B 37 -4.71 -9.47 14.60
C ARG B 37 -5.91 -9.42 13.66
N ASP B 38 -5.92 -8.44 12.75
CA ASP B 38 -7.03 -8.28 11.83
C ASP B 38 -7.18 -9.51 10.93
N ALA B 39 -6.05 -10.07 10.47
CA ALA B 39 -6.11 -11.21 9.58
C ALA B 39 -6.74 -12.43 10.25
N PHE B 40 -6.21 -12.82 11.43
CA PHE B 40 -6.75 -13.99 12.12
C PHE B 40 -8.20 -13.77 12.53
N ARG B 41 -8.51 -12.57 13.03
CA ARG B 41 -9.88 -12.33 13.49
C ARG B 41 -10.86 -12.36 12.34
N GLU B 42 -10.46 -11.88 11.16
CA GLU B 42 -11.36 -11.91 10.01
C GLU B 42 -11.59 -13.33 9.52
N ASN B 43 -10.54 -14.13 9.44
CA ASN B 43 -10.65 -15.52 8.99
C ASN B 43 -10.95 -16.50 10.13
N LYS B 44 -11.52 -16.00 11.23
CA LYS B 44 -11.70 -16.85 12.40
C LYS B 44 -12.71 -17.98 12.15
N ASN B 45 -13.86 -17.64 11.57
CA ASN B 45 -14.96 -18.60 11.39
C ASN B 45 -14.99 -19.19 9.98
N VAL B 46 -13.82 -19.31 9.33
CA VAL B 46 -13.74 -20.05 8.07
C VAL B 46 -13.97 -21.52 8.34
N LYS B 47 -14.71 -22.19 7.44
CA LYS B 47 -15.14 -23.57 7.67
C LYS B 47 -14.67 -24.54 6.60
N ASP B 48 -13.75 -24.14 5.73
CA ASP B 48 -13.29 -25.01 4.64
C ASP B 48 -11.88 -25.48 4.91
N PRO B 49 -11.64 -26.80 4.98
CA PRO B 49 -10.26 -27.27 5.29
C PRO B 49 -9.25 -26.92 4.21
N VAL B 50 -9.57 -27.19 2.94
CA VAL B 50 -8.66 -26.87 1.86
C VAL B 50 -8.36 -25.38 1.82
N GLU B 51 -9.30 -24.56 2.28
CA GLU B 51 -9.03 -23.14 2.46
C GLU B 51 -8.14 -22.89 3.67
N ILE B 52 -8.53 -23.44 4.83
CA ILE B 52 -7.83 -23.17 6.08
C ILE B 52 -6.34 -23.50 5.96
N GLN B 53 -6.02 -24.71 5.48
CA GLN B 53 -4.61 -25.07 5.35
C GLN B 53 -3.88 -24.17 4.37
N THR B 54 -4.59 -23.57 3.42
CA THR B 54 -3.96 -22.59 2.54
C THR B 54 -3.59 -21.32 3.31
N LEU B 55 -4.51 -20.81 4.13
CA LEU B 55 -4.20 -19.59 4.86
C LEU B 55 -3.14 -19.83 5.94
N VAL B 56 -3.06 -21.04 6.50
CA VAL B 56 -1.98 -21.29 7.46
C VAL B 56 -0.66 -21.56 6.73
N ASN B 57 -0.71 -22.05 5.49
CA ASN B 57 0.50 -22.10 4.68
C ASN B 57 1.05 -20.70 4.45
N LYS B 58 0.19 -19.78 3.99
CA LYS B 58 0.61 -18.39 3.83
C LYS B 58 1.10 -17.81 5.15
N ALA B 59 0.40 -18.11 6.24
CA ALA B 59 0.85 -17.66 7.56
C ALA B 59 2.25 -18.17 7.88
N LYS B 60 2.54 -19.39 7.54
CA LYS B 60 3.86 -19.87 7.84
C LYS B 60 4.88 -19.13 7.02
N ARG B 61 4.67 -19.02 5.72
CA ARG B 61 5.61 -18.25 4.90
C ARG B 61 5.89 -16.88 5.53
N ASP B 62 4.82 -16.13 5.82
CA ASP B 62 4.98 -14.79 6.36
C ASP B 62 5.75 -14.82 7.67
N LEU B 63 5.44 -15.76 8.56
CA LEU B 63 6.22 -15.93 9.78
C LEU B 63 7.69 -16.16 9.46
N GLY B 64 7.97 -16.90 8.38
CA GLY B 64 9.34 -17.05 7.93
C GLY B 64 10.01 -15.70 7.67
N VAL B 65 9.35 -14.85 6.86
CA VAL B 65 9.98 -13.57 6.54
C VAL B 65 10.13 -12.69 7.78
N ILE B 66 9.11 -12.68 8.64
CA ILE B 66 9.15 -11.88 9.85
C ILE B 66 10.34 -12.29 10.72
N ARG B 67 10.53 -13.60 10.90
CA ARG B 67 11.66 -14.09 11.70
C ARG B 67 12.98 -13.68 11.07
N ARG B 68 13.12 -13.89 9.76
CA ARG B 68 14.39 -13.56 9.10
C ARG B 68 14.76 -12.10 9.32
N GLN B 69 13.81 -11.18 9.15
CA GLN B 69 14.15 -9.75 9.23
C GLN B 69 14.19 -9.19 10.66
N VAL B 70 13.53 -9.82 11.63
CA VAL B 70 13.81 -9.39 13.00
C VAL B 70 15.18 -9.87 13.42
N HIS B 71 15.58 -11.07 13.00
CA HIS B 71 16.92 -11.56 13.32
C HIS B 71 17.98 -10.69 12.66
N ILE B 72 17.78 -10.33 11.39
CA ILE B 72 18.71 -9.41 10.73
C ILE B 72 18.74 -8.08 11.46
N GLY B 73 17.57 -7.55 11.84
CA GLY B 73 17.54 -6.31 12.60
C GLY B 73 18.29 -6.37 13.91
N GLN B 74 18.30 -7.54 14.55
CA GLN B 74 19.07 -7.72 15.77
C GLN B 74 20.55 -7.92 15.50
N LEU B 75 20.92 -8.32 14.28
CA LEU B 75 22.33 -8.41 13.93
C LEU B 75 23.04 -7.06 14.00
N TYR B 76 22.31 -5.96 13.92
CA TYR B 76 22.86 -4.61 13.94
C TYR B 76 22.24 -3.84 15.10
N SER B 77 22.90 -3.88 16.24
CA SER B 77 22.40 -3.22 17.44
C SER B 77 23.52 -2.92 18.43
N ILE C 3 -3.92 -0.30 43.34
CA ILE C 3 -3.75 -1.53 44.12
C ILE C 3 -2.36 -2.10 43.91
N GLU C 4 -2.05 -3.15 44.66
CA GLU C 4 -0.80 -3.87 44.49
C GLU C 4 -0.95 -5.01 43.47
N GLU C 5 -2.01 -5.81 43.61
CA GLU C 5 -2.37 -6.81 42.61
C GLU C 5 -3.37 -6.21 41.62
N ARG C 6 -2.91 -5.16 40.94
CA ARG C 6 -3.73 -4.44 39.95
C ARG C 6 -3.66 -5.18 38.62
N VAL C 7 -4.32 -6.35 38.60
CA VAL C 7 -4.41 -7.14 37.38
C VAL C 7 -5.69 -6.81 36.60
N LYS C 8 -6.77 -6.43 37.30
CA LYS C 8 -8.02 -6.09 36.64
C LYS C 8 -7.88 -4.90 35.69
N LYS C 9 -6.83 -4.08 35.86
CA LYS C 9 -6.61 -2.98 34.92
C LYS C 9 -6.14 -3.50 33.57
N ILE C 10 -5.20 -4.46 33.57
CA ILE C 10 -4.68 -4.99 32.32
C ILE C 10 -5.74 -5.82 31.60
N ILE C 11 -6.47 -6.67 32.33
CA ILE C 11 -7.47 -7.49 31.67
C ILE C 11 -8.66 -6.63 31.26
N GLY C 12 -9.07 -5.69 32.12
CA GLY C 12 -10.09 -4.74 31.72
C GLY C 12 -9.71 -3.97 30.46
N GLU C 13 -8.44 -3.61 30.34
CA GLU C 13 -7.99 -2.84 29.18
C GLU C 13 -7.86 -3.73 27.94
N GLN C 14 -7.66 -5.04 28.12
CA GLN C 14 -7.50 -5.94 26.99
C GLN C 14 -8.83 -6.46 26.46
N LEU C 15 -9.78 -6.74 27.34
CA LEU C 15 -11.09 -7.24 26.92
C LEU C 15 -12.16 -6.15 26.88
N GLY C 16 -11.79 -4.89 27.14
CA GLY C 16 -12.73 -3.79 27.00
C GLY C 16 -13.90 -3.85 27.96
N VAL C 17 -13.64 -4.23 29.21
CA VAL C 17 -14.67 -4.31 30.23
C VAL C 17 -14.33 -3.35 31.36
N LYS C 18 -15.35 -2.71 31.93
CA LYS C 18 -15.15 -1.81 33.04
C LYS C 18 -14.65 -2.57 34.27
N GLN C 19 -14.16 -1.82 35.25
CA GLN C 19 -13.63 -2.42 36.47
C GLN C 19 -14.71 -3.06 37.32
N GLU C 20 -15.99 -2.75 37.08
CA GLU C 20 -17.07 -3.35 37.85
C GLU C 20 -17.36 -4.78 37.41
N GLU C 21 -17.18 -5.09 36.13
CA GLU C 21 -17.49 -6.43 35.64
C GLU C 21 -16.37 -7.42 35.94
N VAL C 22 -15.12 -6.95 36.00
CA VAL C 22 -14.00 -7.84 36.30
C VAL C 22 -14.06 -8.21 37.78
N THR C 23 -14.56 -9.41 38.06
CA THR C 23 -14.65 -9.90 39.44
C THR C 23 -13.36 -10.60 39.84
N ASN C 24 -13.46 -11.55 40.76
CA ASN C 24 -12.37 -12.47 41.07
C ASN C 24 -12.63 -13.88 40.57
N ASN C 25 -13.89 -14.32 40.55
CA ASN C 25 -14.27 -15.60 39.99
C ASN C 25 -14.76 -15.47 38.55
N ALA C 26 -14.23 -14.50 37.81
CA ALA C 26 -14.67 -14.24 36.45
C ALA C 26 -13.84 -15.08 35.48
N SER C 27 -14.52 -15.88 34.67
CA SER C 27 -13.87 -16.59 33.58
C SER C 27 -13.76 -15.66 32.37
N PHE C 28 -12.63 -15.74 31.68
CA PHE C 28 -12.41 -14.84 30.54
C PHE C 28 -13.38 -15.12 29.41
N VAL C 29 -13.72 -16.40 29.19
CA VAL C 29 -14.47 -16.77 28.00
C VAL C 29 -15.98 -16.57 28.20
N GLU C 30 -16.49 -16.87 29.40
CA GLU C 30 -17.93 -16.87 29.62
C GLU C 30 -18.40 -15.79 30.59
N ASP C 31 -17.49 -15.02 31.19
CA ASP C 31 -17.86 -13.85 31.99
C ASP C 31 -17.39 -12.54 31.38
N LEU C 32 -16.15 -12.48 30.91
CA LEU C 32 -15.64 -11.32 30.19
C LEU C 32 -15.86 -11.41 28.69
N GLY C 33 -16.53 -12.46 28.21
CA GLY C 33 -16.83 -12.62 26.80
C GLY C 33 -15.62 -12.54 25.89
N ALA C 34 -14.84 -13.61 25.82
CA ALA C 34 -13.62 -13.63 25.04
C ALA C 34 -13.57 -14.88 24.16
N ASP C 35 -12.63 -14.85 23.23
CA ASP C 35 -12.29 -15.96 22.35
C ASP C 35 -10.80 -16.28 22.49
N SER C 36 -10.37 -17.36 21.82
CA SER C 36 -9.00 -17.84 22.04
C SER C 36 -7.94 -16.90 21.48
N LEU C 37 -8.30 -15.85 20.74
CA LEU C 37 -7.31 -14.86 20.33
C LEU C 37 -7.13 -13.77 21.38
N ASP C 38 -8.24 -13.32 21.97
CA ASP C 38 -8.16 -12.46 23.14
C ASP C 38 -7.36 -13.12 24.28
N THR C 39 -7.43 -14.45 24.40
CA THR C 39 -6.63 -15.13 25.42
C THR C 39 -5.14 -14.85 25.22
N VAL C 40 -4.60 -15.24 24.06
CA VAL C 40 -3.16 -15.10 23.86
C VAL C 40 -2.77 -13.62 23.91
N GLU C 41 -3.68 -12.72 23.51
CA GLU C 41 -3.37 -11.30 23.62
C GLU C 41 -3.26 -10.86 25.08
N LEU C 42 -4.14 -11.36 25.94
CA LEU C 42 -4.12 -10.94 27.34
C LEU C 42 -2.95 -11.56 28.10
N VAL C 43 -2.75 -12.87 27.95
CA VAL C 43 -1.60 -13.52 28.60
C VAL C 43 -0.31 -12.97 28.04
N MET C 44 -0.32 -12.45 26.81
CA MET C 44 0.84 -11.78 26.27
C MET C 44 1.01 -10.38 26.86
N ALA C 45 -0.10 -9.72 27.19
CA ALA C 45 -0.04 -8.38 27.75
C ALA C 45 0.31 -8.36 29.24
N LEU C 46 0.22 -9.50 29.92
CA LEU C 46 0.55 -9.51 31.35
C LEU C 46 2.04 -9.21 31.59
N GLU C 47 2.92 -9.71 30.73
CA GLU C 47 4.34 -9.39 30.89
C GLU C 47 4.68 -7.97 30.48
N GLU C 48 3.79 -7.30 29.74
CA GLU C 48 3.94 -5.86 29.55
C GLU C 48 3.92 -5.13 30.88
N GLU C 49 3.30 -5.72 31.91
CA GLU C 49 3.34 -5.20 33.27
C GLU C 49 4.37 -5.90 34.14
N PHE C 50 4.62 -7.20 33.93
CA PHE C 50 5.48 -7.95 34.85
C PHE C 50 6.71 -8.57 34.21
N ASP C 51 6.80 -8.60 32.87
CA ASP C 51 7.98 -9.12 32.17
C ASP C 51 8.28 -10.56 32.56
N THR C 52 7.25 -11.39 32.59
CA THR C 52 7.38 -12.80 32.92
C THR C 52 7.43 -13.63 31.64
N GLU C 53 7.29 -14.94 31.78
CA GLU C 53 7.27 -15.84 30.63
C GLU C 53 6.42 -17.07 30.92
N ILE C 54 5.09 -16.91 30.92
CA ILE C 54 4.19 -18.02 31.17
C ILE C 54 4.25 -18.98 29.99
N PRO C 55 4.62 -20.25 30.21
CA PRO C 55 4.90 -21.14 29.08
C PRO C 55 3.64 -21.55 28.33
N ASP C 56 3.88 -22.18 27.18
CA ASP C 56 2.79 -22.70 26.36
C ASP C 56 2.01 -23.78 27.12
N GLU C 57 2.74 -24.69 27.78
CA GLU C 57 2.10 -25.85 28.38
C GLU C 57 1.32 -25.48 29.63
N GLU C 58 1.86 -24.60 30.46
CA GLU C 58 1.25 -24.27 31.75
C GLU C 58 0.61 -22.89 31.67
N ALA C 59 -0.46 -22.80 30.87
CA ALA C 59 -1.18 -21.54 30.72
C ALA C 59 -2.61 -21.78 30.25
N GLU C 60 -2.88 -22.97 29.70
CA GLU C 60 -4.20 -23.27 29.16
C GLU C 60 -5.28 -23.26 30.23
N LYS C 61 -4.92 -23.40 31.51
CA LYS C 61 -5.89 -23.49 32.60
C LYS C 61 -6.00 -22.20 33.39
N ILE C 62 -5.46 -21.08 32.89
CA ILE C 62 -5.60 -19.80 33.55
C ILE C 62 -6.82 -19.08 32.99
N THR C 63 -7.98 -19.76 33.03
CA THR C 63 -9.21 -19.20 32.47
C THR C 63 -9.89 -18.19 33.39
N THR C 64 -9.53 -18.17 34.66
CA THR C 64 -10.11 -17.23 35.61
C THR C 64 -9.16 -16.04 35.82
N VAL C 65 -9.74 -14.93 36.30
CA VAL C 65 -8.92 -13.77 36.62
C VAL C 65 -8.09 -14.04 37.87
N GLN C 66 -8.68 -14.69 38.87
CA GLN C 66 -7.95 -15.01 40.09
C GLN C 66 -6.82 -15.99 39.82
N ALA C 67 -6.96 -16.83 38.78
CA ALA C 67 -5.83 -17.64 38.35
C ALA C 67 -4.70 -16.77 37.84
N ALA C 68 -5.03 -15.63 37.23
CA ALA C 68 -4.00 -14.70 36.78
C ALA C 68 -3.31 -14.03 37.98
N ILE C 69 -4.09 -13.50 38.92
CA ILE C 69 -3.47 -12.85 40.07
C ILE C 69 -2.67 -13.87 40.89
N ASP C 70 -3.13 -15.12 40.93
CA ASP C 70 -2.44 -16.15 41.70
C ASP C 70 -1.17 -16.60 41.00
N TYR C 71 -1.18 -16.66 39.66
CA TYR C 71 0.02 -17.02 38.94
C TYR C 71 1.07 -15.92 39.04
N ILE C 72 0.65 -14.65 38.92
CA ILE C 72 1.58 -13.55 39.11
C ILE C 72 2.18 -13.59 40.51
N ASN C 73 1.31 -13.73 41.51
CA ASN C 73 1.76 -13.86 42.90
C ASN C 73 2.48 -15.19 43.12
N1 PLP D . 5.93 9.98 -12.25
C2 PLP D . 5.28 10.18 -11.08
C2A PLP D . 3.81 10.61 -11.11
C3 PLP D . 5.93 10.01 -9.88
O3 PLP D . 5.24 10.24 -8.68
C4 PLP D . 7.24 9.64 -9.86
C4A PLP D . 8.00 9.45 -8.54
C5 PLP D . 7.89 9.43 -11.04
C6 PLP D . 7.23 9.60 -12.23
C5A PLP D . 9.36 9.03 -11.05
O4P PLP D . 9.51 7.69 -10.69
P PLP D . 11.06 7.17 -10.51
O1P PLP D . 11.09 5.67 -10.33
O2P PLP D . 11.84 7.55 -11.73
O3P PLP D . 11.66 7.82 -9.30
O4 8Q1 E . -3.64 -16.19 7.07
C16 8Q1 E . 5.74 -6.32 8.11
O3 8Q1 E . -10.46 -20.62 19.93
C15 8Q1 E . 5.64 -7.63 7.34
C14 8Q1 E . 4.80 -8.68 8.07
C13 8Q1 E . 3.36 -8.72 7.56
O2 8Q1 E . -12.07 -19.21 18.69
C12 8Q1 E . 2.46 -9.61 8.42
C11 8Q1 E . 1.35 -10.29 7.60
C10 8Q1 E . 0.31 -10.97 8.47
C9 8Q1 E . -0.49 -12.04 7.71
C8 8Q1 E . -1.27 -12.96 8.66
C7 8Q1 E . -2.16 -13.97 7.92
C6 8Q1 E . -2.92 -14.88 8.90
C1 8Q1 E . -3.80 -15.92 8.22
C28 8Q1 E . -9.53 -20.75 17.11
C29 8Q1 E . -9.99 -20.54 15.67
C30 8Q1 E . -11.46 -20.11 15.68
C31 8Q1 E . -9.13 -19.43 15.07
C32 8Q1 E . -9.82 -21.84 14.88
C34 8Q1 E . -10.46 -21.74 13.50
C37 8Q1 E . -10.27 -21.10 11.06
C38 8Q1 E . -9.22 -20.58 10.09
C39 8Q1 E . -7.94 -19.99 10.69
C42 8Q1 E . -5.59 -19.13 10.44
C43 8Q1 E . -4.68 -18.53 9.38
N36 8Q1 E . -9.69 -21.21 12.38
N41 8Q1 E . -6.80 -19.68 9.84
O27 8Q1 E . -9.65 -19.51 17.74
O33 8Q1 E . -10.41 -22.89 15.59
O35 8Q1 E . -11.57 -22.10 13.33
O40 8Q1 E . -7.88 -19.81 11.86
P24 8Q1 E . -10.62 -19.39 19.08
S44 8Q1 E . -5.11 -16.77 9.17
#